data_4OQQ
#
_entry.id   4OQQ
#
_cell.length_a   63.081
_cell.length_b   63.081
_cell.length_c   150.129
_cell.angle_alpha   90.00
_cell.angle_beta   90.00
_cell.angle_gamma   120.00
#
_symmetry.space_group_name_H-M   'P 32'
#
loop_
_entity.id
_entity.type
_entity.pdbx_description
1 polymer 'Deoxyribonucleoside regulator'
2 non-polymer BICINE
3 water water
#
_entity_poly.entity_id   1
_entity_poly.type   'polypeptide(L)'
_entity_poly.pdbx_seq_one_letter_code
;GIDPFTDPFEDLDALGSILEEKYGLLEAHVVFSPTPDYAGITHDLSRYGAEYMHETVKDGDIVGVSWGTTMYQIAQNMQP
KQVKGVEVVQLKGGISHSRVNTYSAETIQLFAEAFQTMPRYLPLPVVFDNADVKRMVEKDRHIERIIEMGKQANIALFTV
GTVRDEALLFRLGYFNEEEKALLKKQAVGDICSRFFDAKGNICSSAINDRTIGVELQDLRLKERSILVAGGSRKVSSIHG
ALTGKYANVLIIDQHTARALVNDL
;
_entity_poly.pdbx_strand_id   A,B
#
loop_
_chem_comp.id
_chem_comp.type
_chem_comp.name
_chem_comp.formula
BCN non-polymer BICINE 'C6 H13 N O4'
#
# COMPACT_ATOMS: atom_id res chain seq x y z
N GLU A 10 -36.30 -22.43 -0.04
CA GLU A 10 -35.66 -22.43 1.32
C GLU A 10 -36.29 -21.45 2.30
N ASP A 11 -36.47 -21.93 3.52
CA ASP A 11 -36.87 -21.11 4.65
C ASP A 11 -35.58 -20.53 5.24
N LEU A 12 -35.26 -19.32 4.82
CA LEU A 12 -34.01 -18.67 5.18
C LEU A 12 -33.83 -18.56 6.69
N ASP A 13 -34.90 -18.20 7.40
CA ASP A 13 -34.86 -18.19 8.86
C ASP A 13 -34.44 -19.55 9.42
N ALA A 14 -35.19 -20.58 9.10
CA ALA A 14 -34.91 -21.94 9.53
C ALA A 14 -33.50 -22.37 9.14
N LEU A 15 -33.12 -22.09 7.90
CA LEU A 15 -31.82 -22.51 7.40
C LEU A 15 -30.70 -21.77 8.15
N GLY A 16 -30.93 -20.51 8.49
CA GLY A 16 -30.02 -19.75 9.36
C GLY A 16 -29.91 -20.37 10.74
N SER A 17 -31.04 -20.81 11.29
CA SER A 17 -31.07 -21.47 12.62
C SER A 17 -30.25 -22.74 12.66
N ILE A 18 -30.32 -23.54 11.59
CA ILE A 18 -29.54 -24.78 11.51
C ILE A 18 -28.06 -24.43 11.58
N LEU A 19 -27.62 -23.48 10.75
CA LEU A 19 -26.21 -23.06 10.71
C LEU A 19 -25.75 -22.52 12.05
N GLU A 20 -26.60 -21.74 12.70
CA GLU A 20 -26.23 -21.16 13.98
C GLU A 20 -25.99 -22.25 15.04
N GLU A 21 -26.80 -23.29 14.98
CA GLU A 21 -26.70 -24.43 15.88
C GLU A 21 -25.46 -25.27 15.52
N LYS A 22 -25.31 -25.57 14.24
CA LYS A 22 -24.24 -26.45 13.75
C LYS A 22 -22.82 -25.94 14.01
N TYR A 23 -22.62 -24.64 13.84
CA TYR A 23 -21.32 -24.03 14.04
C TYR A 23 -21.21 -23.11 15.26
N GLY A 24 -22.30 -22.92 15.99
CA GLY A 24 -22.28 -22.06 17.17
C GLY A 24 -22.15 -20.58 16.82
N LEU A 25 -22.87 -20.13 15.79
CA LEU A 25 -22.77 -18.74 15.33
C LEU A 25 -23.66 -17.84 16.16
N LEU A 26 -23.21 -16.61 16.41
CA LEU A 26 -24.06 -15.57 16.99
C LEU A 26 -25.18 -15.27 15.99
N GLU A 27 -24.84 -15.06 14.72
CA GLU A 27 -25.84 -14.78 13.69
C GLU A 27 -25.50 -15.50 12.41
N ALA A 28 -26.48 -16.11 11.75
CA ALA A 28 -26.30 -16.59 10.38
C ALA A 28 -27.36 -15.94 9.49
N HIS A 29 -26.90 -15.12 8.54
CA HIS A 29 -27.77 -14.39 7.63
C HIS A 29 -27.77 -15.12 6.32
N VAL A 30 -28.84 -15.86 6.06
CA VAL A 30 -28.97 -16.66 4.86
C VAL A 30 -29.68 -15.83 3.80
N VAL A 31 -28.90 -15.31 2.87
CA VAL A 31 -29.36 -14.31 1.96
C VAL A 31 -29.92 -15.00 0.74
N PHE A 32 -31.12 -14.58 0.33
CA PHE A 32 -31.64 -15.03 -0.94
C PHE A 32 -30.78 -14.63 -2.15
N SER A 33 -30.39 -15.62 -2.97
CA SER A 33 -29.81 -15.37 -4.28
C SER A 33 -30.57 -16.27 -5.24
N PRO A 34 -31.08 -15.70 -6.37
CA PRO A 34 -31.95 -16.47 -7.26
C PRO A 34 -31.27 -17.67 -7.91
N THR A 35 -29.97 -17.59 -8.13
CA THR A 35 -29.22 -18.66 -8.78
C THR A 35 -27.96 -19.00 -7.98
N PRO A 36 -27.38 -20.21 -8.20
CA PRO A 36 -26.15 -20.62 -7.53
C PRO A 36 -24.84 -20.34 -8.28
N ASP A 37 -24.82 -19.52 -9.32
CA ASP A 37 -23.54 -19.28 -9.99
C ASP A 37 -22.76 -18.20 -9.22
N TYR A 38 -21.44 -18.23 -9.34
CA TYR A 38 -20.59 -17.47 -8.39
C TYR A 38 -20.88 -15.98 -8.39
N ALA A 39 -21.01 -15.38 -9.59
CA ALA A 39 -21.14 -13.92 -9.68
C ALA A 39 -22.41 -13.43 -8.95
N GLY A 40 -23.53 -14.12 -9.18
CA GLY A 40 -24.83 -13.69 -8.62
C GLY A 40 -24.81 -13.74 -7.10
N ILE A 41 -24.32 -14.86 -6.59
CA ILE A 41 -24.09 -15.02 -5.18
C ILE A 41 -23.21 -13.84 -4.71
N THR A 42 -22.12 -13.59 -5.42
CA THR A 42 -21.21 -12.52 -4.98
C THR A 42 -21.88 -11.16 -4.91
N HIS A 43 -22.71 -10.85 -5.91
CA HIS A 43 -23.42 -9.59 -5.98
C HIS A 43 -24.37 -9.44 -4.78
N ASP A 44 -25.12 -10.50 -4.48
CA ASP A 44 -26.13 -10.42 -3.42
C ASP A 44 -25.48 -10.37 -2.02
N LEU A 45 -24.49 -11.20 -1.79
CA LEU A 45 -23.78 -11.18 -0.51
C LEU A 45 -23.07 -9.85 -0.29
N SER A 46 -22.44 -9.35 -1.35
CA SER A 46 -21.76 -8.03 -1.31
C SER A 46 -22.70 -6.89 -0.94
N ARG A 47 -23.91 -6.89 -1.52
CA ARG A 47 -24.89 -5.85 -1.19
C ARG A 47 -25.36 -6.04 0.24
N TYR A 48 -25.70 -7.28 0.58
CA TYR A 48 -26.20 -7.55 1.92
C TYR A 48 -25.10 -7.14 2.91
N GLY A 49 -23.86 -7.46 2.58
CA GLY A 49 -22.73 -7.17 3.47
C GLY A 49 -22.61 -5.71 3.83
N ALA A 50 -22.68 -4.89 2.79
CA ALA A 50 -22.63 -3.45 2.93
C ALA A 50 -23.73 -2.90 3.86
N GLU A 51 -24.96 -3.41 3.73
CA GLU A 51 -26.08 -2.92 4.54
C GLU A 51 -25.85 -3.32 5.99
N TYR A 52 -25.39 -4.54 6.18
CA TYR A 52 -25.12 -5.04 7.51
C TYR A 52 -24.11 -4.14 8.17
N MET A 53 -23.04 -3.84 7.44
CA MET A 53 -21.96 -3.04 7.99
C MET A 53 -22.50 -1.68 8.35
N HIS A 54 -23.27 -1.12 7.44
CA HIS A 54 -23.96 0.16 7.68
C HIS A 54 -24.84 0.12 8.92
N GLU A 55 -25.65 -0.94 9.08
CA GLU A 55 -26.53 -1.10 10.26
C GLU A 55 -25.73 -1.22 11.54
N THR A 56 -24.65 -2.01 11.46
CA THR A 56 -23.91 -2.47 12.61
C THR A 56 -22.91 -1.47 13.15
N VAL A 57 -22.16 -0.82 12.26
CA VAL A 57 -21.09 0.10 12.67
C VAL A 57 -21.66 1.30 13.44
N LYS A 58 -21.03 1.65 14.57
CA LYS A 58 -21.51 2.73 15.44
C LYS A 58 -20.38 3.57 16.00
N ASP A 59 -20.73 4.72 16.57
CA ASP A 59 -19.74 5.62 17.16
C ASP A 59 -18.69 4.84 17.99
N GLY A 60 -17.41 5.07 17.72
CA GLY A 60 -16.35 4.49 18.53
C GLY A 60 -15.78 3.15 18.06
N ASP A 61 -16.43 2.49 17.09
CA ASP A 61 -16.01 1.16 16.64
C ASP A 61 -14.63 1.23 15.97
N ILE A 62 -13.91 0.12 16.08
CA ILE A 62 -12.67 -0.10 15.41
C ILE A 62 -12.94 -1.30 14.50
N VAL A 63 -12.91 -1.04 13.20
CA VAL A 63 -13.33 -1.98 12.18
C VAL A 63 -12.15 -2.49 11.41
N GLY A 64 -11.93 -3.80 11.47
CA GLY A 64 -10.83 -4.44 10.79
C GLY A 64 -11.34 -4.97 9.49
N VAL A 65 -10.64 -4.63 8.41
CA VAL A 65 -11.05 -5.06 7.09
C VAL A 65 -9.88 -5.74 6.42
N SER A 66 -10.14 -6.22 5.22
CA SER A 66 -9.18 -6.99 4.45
C SER A 66 -9.39 -6.66 3.00
N TRP A 67 -8.70 -7.34 2.10
CA TRP A 67 -8.77 -7.06 0.68
C TRP A 67 -8.97 -8.34 -0.10
N GLY A 68 -9.50 -8.18 -1.32
CA GLY A 68 -9.81 -9.28 -2.21
C GLY A 68 -11.02 -8.85 -3.04
N THR A 69 -11.41 -9.66 -4.00
CA THR A 69 -12.46 -9.25 -4.92
C THR A 69 -13.80 -9.06 -4.18
N THR A 70 -14.20 -10.03 -3.36
CA THR A 70 -15.42 -9.84 -2.59
C THR A 70 -15.39 -8.61 -1.70
N MET A 71 -14.28 -8.43 -0.96
CA MET A 71 -14.18 -7.26 -0.09
C MET A 71 -14.30 -5.94 -0.86
N TYR A 72 -13.68 -5.88 -2.05
CA TYR A 72 -13.74 -4.67 -2.90
C TYR A 72 -15.16 -4.36 -3.31
N GLN A 73 -15.91 -5.39 -3.67
CA GLN A 73 -17.30 -5.17 -4.12
C GLN A 73 -18.13 -4.67 -2.96
N ILE A 74 -17.89 -5.21 -1.77
CA ILE A 74 -18.59 -4.73 -0.59
C ILE A 74 -18.29 -3.24 -0.34
N ALA A 75 -17.01 -2.91 -0.42
CA ALA A 75 -16.53 -1.54 -0.24
C ALA A 75 -17.17 -0.56 -1.20
N GLN A 76 -17.26 -0.94 -2.47
CA GLN A 76 -17.93 -0.13 -3.45
C GLN A 76 -19.41 0.09 -3.10
N ASN A 77 -20.07 -0.94 -2.56
CA ASN A 77 -21.49 -0.82 -2.23
C ASN A 77 -21.75 0.03 -1.00
N MET A 78 -20.74 0.25 -0.16
CA MET A 78 -20.90 1.02 1.07
C MET A 78 -21.57 2.39 0.86
N GLN A 79 -22.53 2.68 1.73
CA GLN A 79 -23.13 3.98 1.80
C GLN A 79 -22.55 4.74 2.99
N PRO A 80 -22.31 6.05 2.83
CA PRO A 80 -21.91 6.93 3.91
C PRO A 80 -22.76 6.76 5.17
N LYS A 81 -22.13 6.78 6.33
CA LYS A 81 -22.87 6.77 7.59
C LYS A 81 -22.25 7.78 8.53
N GLN A 82 -23.10 8.65 9.06
CA GLN A 82 -22.65 9.71 9.95
C GLN A 82 -22.26 9.14 11.30
N VAL A 83 -21.05 8.62 11.41
CA VAL A 83 -20.59 8.06 12.67
C VAL A 83 -19.35 8.83 13.10
N LYS A 84 -19.03 8.86 14.40
CA LYS A 84 -17.81 9.52 14.90
C LYS A 84 -16.94 8.60 15.75
N GLY A 85 -15.66 8.88 15.73
CA GLY A 85 -14.66 8.12 16.47
C GLY A 85 -14.35 6.75 15.90
N VAL A 86 -14.79 6.47 14.68
CA VAL A 86 -14.55 5.16 14.06
C VAL A 86 -13.17 5.10 13.42
N GLU A 87 -12.46 4.02 13.65
CA GLU A 87 -11.24 3.73 12.91
C GLU A 87 -11.41 2.46 12.07
N VAL A 88 -10.73 2.44 10.92
CA VAL A 88 -10.78 1.37 9.98
C VAL A 88 -9.33 0.94 9.73
N VAL A 89 -9.02 -0.31 10.02
CA VAL A 89 -7.63 -0.80 9.99
C VAL A 89 -7.50 -2.03 9.11
N GLN A 90 -6.37 -2.12 8.42
CA GLN A 90 -6.08 -3.28 7.58
C GLN A 90 -5.64 -4.49 8.39
N LEU A 91 -6.23 -5.65 8.12
CA LEU A 91 -5.87 -6.91 8.79
C LEU A 91 -5.02 -7.85 7.96
N LYS A 92 -4.89 -7.55 6.68
CA LYS A 92 -4.22 -8.43 5.76
C LYS A 92 -2.98 -7.80 5.14
N GLY A 93 -1.86 -8.53 5.09
CA GLY A 93 -0.61 -8.02 4.54
C GLY A 93 -0.74 -7.73 3.05
N GLY A 94 0.27 -7.07 2.48
CA GLY A 94 0.26 -6.62 1.06
C GLY A 94 1.13 -7.51 0.18
N ILE A 95 0.96 -7.41 -1.15
CA ILE A 95 1.80 -8.14 -2.07
C ILE A 95 2.59 -7.11 -2.85
N SER A 96 3.61 -7.56 -3.53
CA SER A 96 4.45 -6.61 -4.21
CA SER A 96 4.53 -6.69 -4.23
C SER A 96 4.08 -6.45 -5.67
N HIS A 97 3.54 -7.49 -6.29
CA HIS A 97 3.06 -7.38 -7.65
C HIS A 97 1.99 -8.45 -7.93
N SER A 98 0.98 -8.15 -8.74
CA SER A 98 0.12 -9.17 -9.43
C SER A 98 -0.40 -8.57 -10.70
N ARG A 99 -0.72 -9.42 -11.67
CA ARG A 99 -1.27 -8.96 -12.94
C ARG A 99 -2.67 -8.38 -12.79
N VAL A 100 -3.39 -8.86 -11.79
CA VAL A 100 -4.67 -8.30 -11.38
C VAL A 100 -4.44 -7.34 -10.21
N ASN A 101 -5.18 -6.24 -10.24
CA ASN A 101 -5.13 -5.25 -9.18
C ASN A 101 -5.84 -5.84 -7.97
N THR A 102 -5.24 -5.78 -6.78
CA THR A 102 -5.91 -6.25 -5.56
C THR A 102 -6.98 -5.28 -5.03
N TYR A 103 -6.87 -4.03 -5.47
CA TYR A 103 -7.70 -2.93 -5.03
C TYR A 103 -7.71 -2.78 -3.50
N SER A 104 -6.63 -3.21 -2.88
CA SER A 104 -6.53 -3.16 -1.45
C SER A 104 -6.63 -1.76 -0.88
N ALA A 105 -5.90 -0.82 -1.49
CA ALA A 105 -5.93 0.57 -1.04
C ALA A 105 -7.32 1.21 -1.16
N GLU A 106 -7.93 1.00 -2.30
CA GLU A 106 -9.28 1.54 -2.61
C GLU A 106 -10.34 0.96 -1.69
N THR A 107 -10.16 -0.32 -1.35
CA THR A 107 -11.11 -1.05 -0.54
C THR A 107 -11.13 -0.42 0.83
N ILE A 108 -9.95 -0.29 1.43
CA ILE A 108 -9.90 0.28 2.77
C ILE A 108 -10.24 1.77 2.75
N GLN A 109 -9.84 2.46 1.69
CA GLN A 109 -10.29 3.85 1.47
C GLN A 109 -11.82 3.99 1.47
N LEU A 110 -12.50 3.14 0.71
CA LEU A 110 -13.96 3.23 0.57
C LEU A 110 -14.64 2.94 1.89
N PHE A 111 -14.15 1.92 2.57
CA PHE A 111 -14.62 1.62 3.92
C PHE A 111 -14.39 2.81 4.86
N ALA A 112 -13.20 3.40 4.80
CA ALA A 112 -12.84 4.45 5.72
C ALA A 112 -13.72 5.66 5.49
N GLU A 113 -13.90 5.99 4.23
CA GLU A 113 -14.69 7.15 3.85
C GLU A 113 -16.13 6.98 4.28
N ALA A 114 -16.68 5.78 4.08
CA ALA A 114 -18.06 5.55 4.46
C ALA A 114 -18.26 5.84 5.97
N PHE A 115 -17.22 5.62 6.77
CA PHE A 115 -17.27 5.82 8.23
C PHE A 115 -16.55 7.08 8.76
N GLN A 116 -16.37 8.06 7.89
CA GLN A 116 -15.89 9.41 8.29
C GLN A 116 -14.52 9.37 8.96
N THR A 117 -13.65 8.51 8.44
CA THR A 117 -12.28 8.45 8.91
C THR A 117 -11.37 8.18 7.71
N MET A 118 -10.11 7.86 8.00
CA MET A 118 -9.09 7.59 6.97
C MET A 118 -8.46 6.24 7.31
N PRO A 119 -8.01 5.48 6.30
CA PRO A 119 -7.42 4.13 6.50
C PRO A 119 -6.24 4.08 7.41
N ARG A 120 -6.14 2.99 8.18
CA ARG A 120 -4.96 2.69 8.93
C ARG A 120 -4.36 1.50 8.20
N TYR A 121 -3.33 1.76 7.40
CA TYR A 121 -2.76 0.72 6.55
C TYR A 121 -1.82 -0.14 7.37
N LEU A 122 -1.52 -1.33 6.84
CA LEU A 122 -0.55 -2.26 7.42
C LEU A 122 0.55 -2.38 6.34
N PRO A 123 1.60 -1.53 6.42
CA PRO A 123 2.53 -1.37 5.29
C PRO A 123 3.65 -2.43 5.34
N LEU A 124 3.27 -3.68 5.12
CA LEU A 124 4.12 -4.86 5.25
C LEU A 124 3.74 -5.87 4.16
N PRO A 125 4.66 -6.75 3.80
CA PRO A 125 4.35 -7.85 2.90
C PRO A 125 3.58 -8.92 3.63
N VAL A 126 2.90 -9.75 2.88
CA VAL A 126 2.16 -10.83 3.49
C VAL A 126 3.05 -11.87 4.16
N VAL A 127 4.23 -12.13 3.59
CA VAL A 127 5.15 -13.16 4.04
C VAL A 127 6.56 -12.63 4.00
N PHE A 128 7.31 -12.97 5.04
CA PHE A 128 8.76 -12.85 5.11
C PHE A 128 9.39 -14.23 4.94
N ASP A 129 10.58 -14.21 4.33
CA ASP A 129 11.32 -15.43 4.05
C ASP A 129 11.68 -16.14 5.33
N ASN A 130 11.83 -15.39 6.41
CA ASN A 130 12.36 -15.90 7.68
C ASN A 130 11.52 -15.46 8.86
N ALA A 131 11.13 -16.42 9.71
CA ALA A 131 10.25 -16.08 10.82
C ALA A 131 10.90 -15.13 11.82
N ASP A 132 12.23 -15.19 11.99
CA ASP A 132 12.93 -14.28 12.95
C ASP A 132 12.77 -12.82 12.50
N VAL A 133 12.83 -12.58 11.19
CA VAL A 133 12.61 -11.23 10.61
C VAL A 133 11.13 -10.83 10.82
N LYS A 134 10.19 -11.72 10.48
CA LYS A 134 8.78 -11.44 10.71
C LYS A 134 8.56 -11.01 12.17
N ARG A 135 9.16 -11.75 13.11
CA ARG A 135 8.95 -11.43 14.51
C ARG A 135 9.51 -10.10 14.89
N MET A 136 10.69 -9.75 14.40
N MET A 136 10.69 -9.78 14.42
CA MET A 136 11.26 -8.45 14.77
CA MET A 136 11.31 -8.46 14.74
C MET A 136 10.50 -7.29 14.10
C MET A 136 10.46 -7.33 14.12
N VAL A 137 9.96 -7.53 12.91
CA VAL A 137 9.08 -6.52 12.26
C VAL A 137 7.80 -6.26 13.05
N GLU A 138 7.13 -7.31 13.51
CA GLU A 138 5.93 -7.16 14.31
C GLU A 138 6.19 -6.46 15.64
N LYS A 139 7.42 -6.54 16.15
CA LYS A 139 7.79 -5.84 17.39
C LYS A 139 8.28 -4.42 17.20
N ASP A 140 8.41 -3.97 15.96
CA ASP A 140 8.75 -2.57 15.68
C ASP A 140 7.68 -1.71 16.34
N ARG A 141 8.14 -0.66 17.00
CA ARG A 141 7.28 0.14 17.85
C ARG A 141 6.06 0.66 17.09
N HIS A 142 6.27 1.06 15.84
CA HIS A 142 5.22 1.63 15.02
C HIS A 142 4.31 0.55 14.47
N ILE A 143 4.90 -0.50 13.95
CA ILE A 143 4.12 -1.66 13.48
C ILE A 143 3.26 -2.30 14.58
N GLU A 144 3.79 -2.39 15.77
CA GLU A 144 3.10 -3.04 16.87
CA GLU A 144 3.15 -3.03 16.90
C GLU A 144 1.81 -2.30 17.13
N ARG A 145 1.82 -0.97 16.99
CA ARG A 145 0.58 -0.22 17.20
C ARG A 145 -0.52 -0.59 16.18
N ILE A 146 -0.11 -0.90 14.96
CA ILE A 146 -1.05 -1.23 13.92
C ILE A 146 -1.62 -2.60 14.20
N ILE A 147 -0.74 -3.51 14.60
CA ILE A 147 -1.19 -4.85 14.96
C ILE A 147 -2.13 -4.81 16.15
N GLU A 148 -1.82 -3.94 17.12
CA GLU A 148 -2.62 -3.79 18.30
C GLU A 148 -4.02 -3.24 17.97
N MET A 149 -4.09 -2.28 17.04
CA MET A 149 -5.37 -1.79 16.59
C MET A 149 -6.17 -2.92 15.92
N GLY A 150 -5.48 -3.79 15.20
CA GLY A 150 -6.12 -4.96 14.59
C GLY A 150 -6.72 -5.90 15.63
N LYS A 151 -6.04 -6.06 16.74
CA LYS A 151 -6.57 -6.85 17.87
C LYS A 151 -7.70 -6.17 18.58
N GLN A 152 -7.59 -4.84 18.73
CA GLN A 152 -8.62 -4.08 19.43
C GLN A 152 -9.89 -4.01 18.63
N ALA A 153 -9.79 -4.14 17.31
CA ALA A 153 -10.96 -4.10 16.46
C ALA A 153 -12.11 -4.96 16.99
N ASN A 154 -13.28 -4.37 17.15
CA ASN A 154 -14.43 -5.15 17.62
C ASN A 154 -15.31 -5.71 16.51
N ILE A 155 -15.13 -5.20 15.30
CA ILE A 155 -15.71 -5.76 14.11
C ILE A 155 -14.59 -6.14 13.20
N ALA A 156 -14.68 -7.34 12.61
CA ALA A 156 -13.75 -7.73 11.56
C ALA A 156 -14.54 -8.25 10.41
N LEU A 157 -14.13 -7.88 9.21
CA LEU A 157 -14.85 -8.23 8.00
C LEU A 157 -13.92 -8.92 7.03
N PHE A 158 -14.32 -10.08 6.55
CA PHE A 158 -13.47 -10.88 5.66
C PHE A 158 -14.25 -11.93 4.89
N THR A 159 -13.64 -12.39 3.80
CA THR A 159 -14.10 -13.61 3.15
C THR A 159 -13.09 -14.74 3.41
N VAL A 160 -13.37 -15.93 2.88
CA VAL A 160 -12.36 -16.98 2.83
C VAL A 160 -11.88 -17.16 1.42
N GLY A 161 -10.60 -17.47 1.27
CA GLY A 161 -10.02 -17.85 -0.02
C GLY A 161 -9.92 -19.36 -0.14
N THR A 162 -9.75 -19.86 -1.35
CA THR A 162 -9.63 -21.30 -1.55
C THR A 162 -8.19 -21.71 -1.81
N VAL A 163 -7.95 -23.02 -1.96
CA VAL A 163 -6.61 -23.55 -2.27
C VAL A 163 -6.47 -24.10 -3.72
N ARG A 164 -7.21 -23.53 -4.66
CA ARG A 164 -7.03 -23.92 -6.06
C ARG A 164 -5.63 -23.57 -6.60
N ASP A 165 -5.17 -24.27 -7.64
CA ASP A 165 -3.87 -23.99 -8.28
C ASP A 165 -3.67 -22.50 -8.59
N GLU A 166 -4.77 -21.81 -8.90
CA GLU A 166 -4.74 -20.40 -9.33
C GLU A 166 -4.67 -19.42 -8.19
N ALA A 167 -4.87 -19.88 -6.95
CA ALA A 167 -4.83 -18.99 -5.78
C ALA A 167 -3.62 -18.10 -5.86
N LEU A 168 -3.84 -16.83 -5.56
CA LEU A 168 -2.79 -15.81 -5.60
C LEU A 168 -1.54 -16.22 -4.85
N LEU A 169 -1.74 -16.70 -3.64
CA LEU A 169 -0.61 -16.93 -2.74
C LEU A 169 0.27 -18.11 -3.14
N PHE A 170 -0.21 -18.90 -4.06
CA PHE A 170 0.60 -19.96 -4.62
C PHE A 170 1.47 -19.49 -5.79
N ARG A 171 1.30 -18.23 -6.18
CA ARG A 171 1.83 -17.73 -7.42
C ARG A 171 2.74 -16.55 -7.23
N LEU A 172 3.24 -16.35 -6.04
CA LEU A 172 4.00 -15.16 -5.76
C LEU A 172 5.44 -15.41 -5.27
N GLY A 173 5.89 -16.65 -5.40
CA GLY A 173 7.23 -17.02 -4.97
C GLY A 173 7.47 -17.18 -3.47
N TYR A 174 6.45 -16.96 -2.66
CA TYR A 174 6.63 -17.08 -1.24
C TYR A 174 6.90 -18.51 -0.76
N PHE A 175 6.53 -19.53 -1.55
CA PHE A 175 6.61 -20.93 -1.07
C PHE A 175 7.36 -21.86 -2.01
N ASN A 176 8.18 -22.75 -1.46
CA ASN A 176 8.96 -23.66 -2.29
C ASN A 176 8.07 -24.86 -2.66
N GLU A 177 8.64 -25.84 -3.35
CA GLU A 177 7.84 -27.00 -3.81
C GLU A 177 7.17 -27.69 -2.63
N GLU A 178 7.94 -27.92 -1.59
CA GLU A 178 7.47 -28.60 -0.41
C GLU A 178 6.26 -27.92 0.21
N GLU A 179 6.38 -26.60 0.38
CA GLU A 179 5.37 -25.80 1.06
C GLU A 179 4.09 -25.72 0.27
N LYS A 180 4.18 -25.50 -1.04
CA LYS A 180 2.94 -25.45 -1.83
C LYS A 180 2.18 -26.79 -1.79
N ALA A 181 2.93 -27.89 -1.83
CA ALA A 181 2.33 -29.23 -1.85
C ALA A 181 1.65 -29.48 -0.52
N LEU A 182 2.33 -29.05 0.55
CA LEU A 182 1.75 -29.22 1.88
C LEU A 182 0.42 -28.48 1.97
N LEU A 183 0.40 -27.20 1.61
CA LEU A 183 -0.84 -26.41 1.64
C LEU A 183 -1.93 -27.00 0.72
N LYS A 184 -1.56 -27.47 -0.46
CA LYS A 184 -2.57 -27.98 -1.38
C LYS A 184 -3.15 -29.25 -0.79
N LYS A 185 -2.29 -30.09 -0.25
CA LYS A 185 -2.76 -31.32 0.35
C LYS A 185 -3.63 -31.11 1.61
N GLN A 186 -3.20 -30.25 2.51
CA GLN A 186 -3.79 -30.15 3.88
C GLN A 186 -4.77 -29.00 4.11
N ALA A 187 -4.58 -27.88 3.45
CA ALA A 187 -5.40 -26.70 3.67
C ALA A 187 -6.69 -26.77 2.89
N VAL A 188 -7.75 -26.20 3.45
CA VAL A 188 -8.98 -26.02 2.71
C VAL A 188 -9.21 -24.55 2.30
N GLY A 189 -8.54 -23.66 2.98
CA GLY A 189 -8.67 -22.24 2.70
C GLY A 189 -7.80 -21.35 3.54
N ASP A 190 -8.00 -20.04 3.38
CA ASP A 190 -7.26 -19.01 4.14
C ASP A 190 -8.21 -17.93 4.58
N ILE A 191 -7.92 -17.37 5.74
CA ILE A 191 -8.44 -16.10 6.16
C ILE A 191 -7.28 -15.15 6.30
N CYS A 192 -7.30 -14.04 5.58
CA CYS A 192 -6.20 -13.11 5.62
C CYS A 192 -4.81 -13.75 5.42
N SER A 193 -4.75 -14.70 4.49
CA SER A 193 -3.52 -15.32 4.04
C SER A 193 -3.00 -16.41 4.99
N ARG A 194 -3.78 -16.73 6.03
CA ARG A 194 -3.41 -17.77 7.00
C ARG A 194 -4.25 -18.99 6.66
N PHE A 195 -3.55 -20.08 6.39
CA PHE A 195 -4.17 -21.32 5.88
C PHE A 195 -4.54 -22.33 6.95
N PHE A 196 -5.78 -22.80 6.85
CA PHE A 196 -6.30 -23.74 7.74
C PHE A 196 -6.86 -24.99 7.07
N ASP A 197 -6.94 -26.07 7.86
CA ASP A 197 -7.51 -27.34 7.40
C ASP A 197 -9.01 -27.49 7.73
N ALA A 198 -9.59 -28.64 7.44
CA ALA A 198 -11.04 -28.82 7.50
C ALA A 198 -11.55 -28.75 8.92
N LYS A 199 -10.64 -28.90 9.88
CA LYS A 199 -11.01 -28.80 11.28
C LYS A 199 -10.73 -27.39 11.86
N GLY A 200 -10.30 -26.46 11.04
CA GLY A 200 -9.96 -25.12 11.47
C GLY A 200 -8.55 -24.92 12.00
N ASN A 201 -7.74 -25.97 11.98
CA ASN A 201 -6.37 -25.86 12.44
C ASN A 201 -5.46 -25.23 11.42
N ILE A 202 -4.54 -24.38 11.88
CA ILE A 202 -3.48 -23.87 11.02
C ILE A 202 -2.74 -25.06 10.42
N CYS A 203 -2.64 -25.12 9.10
CA CYS A 203 -1.93 -26.23 8.42
CA CYS A 203 -1.94 -26.19 8.34
C CYS A 203 -0.46 -26.34 8.67
N SER A 204 0.25 -25.22 8.65
CA SER A 204 1.71 -25.23 8.83
C SER A 204 2.08 -24.09 9.75
N SER A 205 2.44 -24.41 10.99
CA SER A 205 2.92 -23.39 11.92
C SER A 205 4.18 -22.70 11.41
N ALA A 206 5.08 -23.46 10.75
CA ALA A 206 6.29 -22.90 10.13
C ALA A 206 5.96 -21.78 9.13
N ILE A 207 5.02 -22.05 8.24
CA ILE A 207 4.59 -21.03 7.28
C ILE A 207 3.84 -19.88 8.00
N ASN A 208 2.94 -20.24 8.88
CA ASN A 208 2.11 -19.24 9.53
C ASN A 208 2.92 -18.30 10.40
N ASP A 209 3.99 -18.82 10.95
CA ASP A 209 4.89 -18.03 11.79
C ASP A 209 5.71 -17.00 11.03
N ARG A 210 5.80 -17.11 9.72
CA ARG A 210 6.45 -16.09 8.91
C ARG A 210 5.47 -15.26 8.04
N THR A 211 4.18 -15.45 8.28
CA THR A 211 3.11 -14.70 7.62
C THR A 211 2.60 -13.59 8.51
N ILE A 212 2.39 -12.43 7.90
CA ILE A 212 1.90 -11.22 8.50
C ILE A 212 0.41 -11.14 8.35
N GLY A 213 -0.25 -10.50 9.30
CA GLY A 213 -1.70 -10.29 9.32
C GLY A 213 -2.35 -10.66 10.63
N VAL A 214 -3.63 -10.37 10.78
CA VAL A 214 -4.33 -10.72 11.99
C VAL A 214 -4.18 -12.21 12.25
N GLU A 215 -3.95 -12.55 13.52
CA GLU A 215 -3.86 -13.97 13.90
C GLU A 215 -5.26 -14.54 13.98
N LEU A 216 -5.46 -15.75 13.46
CA LEU A 216 -6.79 -16.31 13.40
C LEU A 216 -7.41 -16.46 14.77
N GLN A 217 -6.62 -16.86 15.75
CA GLN A 217 -7.15 -17.02 17.13
C GLN A 217 -7.71 -15.71 17.69
N ASP A 218 -7.15 -14.59 17.25
CA ASP A 218 -7.65 -13.27 17.72
C ASP A 218 -9.06 -12.93 17.18
N LEU A 219 -9.39 -13.44 16.01
CA LEU A 219 -10.71 -13.25 15.45
C LEU A 219 -11.82 -13.79 16.33
N ARG A 220 -11.54 -14.84 17.13
CA ARG A 220 -12.56 -15.49 17.92
C ARG A 220 -12.98 -14.62 19.08
N LEU A 221 -12.17 -13.61 19.40
CA LEU A 221 -12.40 -12.76 20.53
C LEU A 221 -13.31 -11.58 20.22
N LYS A 222 -13.54 -11.34 18.94
CA LYS A 222 -14.19 -10.11 18.54
C LYS A 222 -15.72 -10.17 18.64
N GLU A 223 -16.28 -9.05 19.04
CA GLU A 223 -17.71 -8.87 19.18
C GLU A 223 -18.40 -9.34 17.92
N ARG A 224 -17.91 -8.88 16.78
CA ARG A 224 -18.42 -9.35 15.52
C ARG A 224 -17.30 -9.66 14.61
N SER A 225 -17.11 -10.94 14.35
CA SER A 225 -16.21 -11.41 13.32
C SER A 225 -17.06 -11.95 12.17
N ILE A 226 -17.03 -11.21 11.06
CA ILE A 226 -18.00 -11.40 9.98
C ILE A 226 -17.39 -12.02 8.74
N LEU A 227 -17.85 -13.22 8.42
CA LEU A 227 -17.45 -13.90 7.21
C LEU A 227 -18.59 -13.75 6.21
N VAL A 228 -18.27 -13.16 5.06
CA VAL A 228 -19.18 -13.07 3.91
C VAL A 228 -18.60 -14.02 2.89
N ALA A 229 -19.33 -15.05 2.56
CA ALA A 229 -18.81 -16.03 1.60
C ALA A 229 -19.93 -16.88 1.07
N GLY A 230 -19.74 -17.37 -0.16
CA GLY A 230 -20.65 -18.32 -0.78
C GLY A 230 -20.12 -18.79 -2.13
N GLY A 231 -20.74 -19.84 -2.67
CA GLY A 231 -20.36 -20.42 -3.96
C GLY A 231 -19.90 -21.82 -3.75
N SER A 232 -20.29 -22.76 -4.61
CA SER A 232 -19.89 -24.16 -4.37
C SER A 232 -18.35 -24.34 -4.23
N ARG A 233 -17.59 -23.48 -4.88
CA ARG A 233 -16.11 -23.46 -4.85
C ARG A 233 -15.53 -23.28 -3.43
N LYS A 234 -16.34 -22.67 -2.55
CA LYS A 234 -15.90 -22.28 -1.23
C LYS A 234 -16.53 -23.09 -0.11
N VAL A 235 -17.29 -24.13 -0.44
CA VAL A 235 -17.94 -24.92 0.61
C VAL A 235 -16.93 -25.49 1.64
N SER A 236 -15.88 -26.16 1.19
CA SER A 236 -14.91 -26.77 2.10
C SER A 236 -14.23 -25.69 2.95
N SER A 237 -13.82 -24.59 2.29
CA SER A 237 -13.19 -23.45 2.93
CA SER A 237 -13.16 -23.47 2.95
C SER A 237 -14.06 -22.85 4.03
N ILE A 238 -15.33 -22.61 3.71
CA ILE A 238 -16.23 -22.01 4.69
C ILE A 238 -16.39 -22.97 5.87
N HIS A 239 -16.57 -24.25 5.58
CA HIS A 239 -16.74 -25.29 6.62
C HIS A 239 -15.54 -25.29 7.55
N GLY A 240 -14.35 -25.27 6.98
CA GLY A 240 -13.12 -25.20 7.79
C GLY A 240 -13.05 -23.94 8.65
N ALA A 241 -13.40 -22.79 8.06
CA ALA A 241 -13.35 -21.54 8.79
C ALA A 241 -14.33 -21.54 9.92
N LEU A 242 -15.55 -22.04 9.69
CA LEU A 242 -16.58 -22.05 10.72
C LEU A 242 -16.33 -23.13 11.78
N THR A 243 -15.78 -24.27 11.37
CA THR A 243 -15.34 -25.28 12.35
C THR A 243 -14.26 -24.78 13.27
N GLY A 244 -13.33 -23.99 12.73
CA GLY A 244 -12.32 -23.30 13.53
C GLY A 244 -12.92 -22.15 14.32
N LYS A 245 -14.17 -21.79 14.02
CA LYS A 245 -14.91 -20.78 14.79
C LYS A 245 -14.29 -19.39 14.71
N TYR A 246 -13.83 -19.02 13.52
CA TYR A 246 -13.14 -17.77 13.28
C TYR A 246 -14.11 -16.63 13.00
N ALA A 247 -15.37 -16.97 12.72
CA ALA A 247 -16.44 -15.99 12.57
C ALA A 247 -17.62 -16.33 13.48
N ASN A 248 -18.30 -15.28 13.99
CA ASN A 248 -19.55 -15.47 14.73
C ASN A 248 -20.75 -14.94 14.00
N VAL A 249 -20.49 -14.24 12.90
CA VAL A 249 -21.53 -13.77 12.03
C VAL A 249 -21.20 -14.32 10.67
N LEU A 250 -22.16 -14.97 10.04
CA LEU A 250 -22.00 -15.52 8.71
C LEU A 250 -23.01 -14.85 7.79
N ILE A 251 -22.53 -14.33 6.66
CA ILE A 251 -23.37 -13.87 5.56
C ILE A 251 -23.11 -14.80 4.36
N ILE A 252 -24.17 -15.51 3.96
CA ILE A 252 -24.07 -16.64 3.05
C ILE A 252 -25.40 -16.77 2.36
N ASP A 253 -25.37 -17.23 1.12
CA ASP A 253 -26.58 -17.42 0.32
C ASP A 253 -27.20 -18.76 0.70
N GLN A 254 -28.37 -19.03 0.16
CA GLN A 254 -29.06 -20.23 0.52
C GLN A 254 -28.58 -21.49 -0.22
N HIS A 255 -27.90 -21.37 -1.34
CA HIS A 255 -27.37 -22.58 -2.00
C HIS A 255 -26.24 -23.11 -1.18
N THR A 256 -25.29 -22.23 -0.86
CA THR A 256 -24.13 -22.67 -0.09
C THR A 256 -24.54 -23.15 1.30
N ALA A 257 -25.47 -22.43 1.92
CA ALA A 257 -25.94 -22.74 3.26
C ALA A 257 -26.51 -24.15 3.32
N ARG A 258 -27.30 -24.52 2.29
CA ARG A 258 -27.81 -25.89 2.15
C ARG A 258 -26.73 -26.94 1.89
N ALA A 259 -25.71 -26.56 1.11
CA ALA A 259 -24.58 -27.48 0.86
C ALA A 259 -23.82 -27.82 2.14
N LEU A 260 -23.68 -26.83 3.02
CA LEU A 260 -23.02 -27.08 4.29
C LEU A 260 -23.79 -28.04 5.17
N VAL A 261 -25.11 -27.91 5.24
CA VAL A 261 -25.93 -28.81 6.08
C VAL A 261 -25.88 -30.24 5.53
N ASN A 262 -26.06 -30.40 4.22
CA ASN A 262 -26.18 -31.73 3.61
C ASN A 262 -25.06 -32.71 3.93
N ASP A 263 -23.93 -32.21 4.40
CA ASP A 263 -22.92 -33.07 5.05
C ASP A 263 -23.01 -32.97 6.56
N GLU B 10 11.76 35.95 -19.47
CA GLU B 10 12.95 35.04 -19.54
C GLU B 10 13.10 34.34 -20.88
N ASP B 11 14.35 34.22 -21.34
CA ASP B 11 14.72 33.30 -22.41
C ASP B 11 14.92 31.94 -21.74
N LEU B 12 13.97 31.04 -21.98
CA LEU B 12 13.93 29.78 -21.29
C LEU B 12 15.15 28.93 -21.63
N ASP B 13 15.53 28.91 -22.90
CA ASP B 13 16.66 28.10 -23.35
C ASP B 13 17.98 28.60 -22.75
N ALA B 14 18.20 29.90 -22.78
CA ALA B 14 19.38 30.46 -22.11
C ALA B 14 19.36 30.18 -20.61
N LEU B 15 18.18 30.32 -20.00
CA LEU B 15 18.09 30.19 -18.55
C LEU B 15 18.30 28.72 -18.14
N GLY B 16 17.84 27.81 -19.00
CA GLY B 16 18.12 26.40 -18.85
C GLY B 16 19.62 26.10 -18.94
N SER B 17 20.31 26.82 -19.82
CA SER B 17 21.77 26.63 -20.02
C SER B 17 22.54 27.03 -18.79
N ILE B 18 22.12 28.11 -18.15
CA ILE B 18 22.76 28.58 -16.91
C ILE B 18 22.64 27.45 -15.89
N LEU B 19 21.43 26.95 -15.70
CA LEU B 19 21.19 25.89 -14.73
C LEU B 19 21.98 24.64 -15.06
N GLU B 20 22.09 24.28 -16.34
CA GLU B 20 22.83 23.07 -16.71
C GLU B 20 24.32 23.18 -16.36
N GLU B 21 24.86 24.38 -16.52
CA GLU B 21 26.26 24.65 -16.19
C GLU B 21 26.46 24.74 -14.67
N LYS B 22 25.59 25.48 -14.01
CA LYS B 22 25.69 25.67 -12.55
C LYS B 22 25.64 24.37 -11.75
N TYR B 23 24.77 23.45 -12.17
CA TYR B 23 24.60 22.19 -11.46
C TYR B 23 25.09 20.94 -12.20
N GLY B 24 25.61 21.09 -13.41
CA GLY B 24 26.12 19.95 -14.17
C GLY B 24 25.00 18.99 -14.60
N LEU B 25 23.90 19.55 -15.07
CA LEU B 25 22.71 18.77 -15.47
C LEU B 25 22.84 18.30 -16.89
N LEU B 26 22.34 17.08 -17.17
CA LEU B 26 22.17 16.62 -18.55
C LEU B 26 21.14 17.49 -19.27
N GLU B 27 20.01 17.77 -18.63
CA GLU B 27 18.98 18.63 -19.25
C GLU B 27 18.33 19.49 -18.19
N ALA B 28 18.07 20.75 -18.52
CA ALA B 28 17.23 21.59 -17.67
C ALA B 28 16.10 22.13 -18.51
N HIS B 29 14.90 21.67 -18.22
CA HIS B 29 13.72 22.09 -18.91
C HIS B 29 13.06 23.22 -18.14
N VAL B 30 13.26 24.45 -18.62
CA VAL B 30 12.71 25.62 -17.94
C VAL B 30 11.37 25.93 -18.57
N VAL B 31 10.32 25.70 -17.80
CA VAL B 31 8.98 25.68 -18.31
C VAL B 31 8.33 27.00 -18.00
N PHE B 32 7.63 27.55 -19.00
CA PHE B 32 6.88 28.76 -18.79
C PHE B 32 5.66 28.58 -17.88
N SER B 33 5.61 29.35 -16.78
CA SER B 33 4.38 29.48 -16.02
C SER B 33 4.07 30.97 -15.91
N PRO B 34 2.82 31.36 -16.22
CA PRO B 34 2.50 32.79 -16.22
C PRO B 34 2.64 33.48 -14.87
N THR B 35 2.39 32.79 -13.77
CA THR B 35 2.55 33.39 -12.44
C THR B 35 3.48 32.58 -11.54
N PRO B 36 4.13 33.22 -10.53
CA PRO B 36 4.91 32.52 -9.47
C PRO B 36 4.05 31.86 -8.39
N ASP B 37 2.78 31.62 -8.69
CA ASP B 37 1.87 30.99 -7.76
C ASP B 37 2.14 29.46 -7.63
N TYR B 38 2.18 28.93 -6.42
CA TYR B 38 2.54 27.48 -6.24
C TYR B 38 1.64 26.60 -7.11
N ALA B 39 0.33 26.80 -7.00
CA ALA B 39 -0.62 25.97 -7.73
C ALA B 39 -0.34 26.03 -9.25
N GLY B 40 -0.09 27.23 -9.77
CA GLY B 40 0.11 27.40 -11.22
C GLY B 40 1.37 26.71 -11.72
N ILE B 41 2.46 27.01 -11.01
CA ILE B 41 3.72 26.34 -11.25
C ILE B 41 3.44 24.82 -11.25
N THR B 42 2.74 24.37 -10.21
CA THR B 42 2.49 22.93 -10.09
C THR B 42 1.73 22.36 -11.28
N HIS B 43 0.72 23.09 -11.79
CA HIS B 43 -0.06 22.60 -12.88
C HIS B 43 0.80 22.50 -14.14
N ASP B 44 1.63 23.50 -14.39
CA ASP B 44 2.42 23.52 -15.63
C ASP B 44 3.56 22.47 -15.58
N LEU B 45 4.26 22.43 -14.46
CA LEU B 45 5.30 21.42 -14.27
C LEU B 45 4.74 20.00 -14.40
N SER B 46 3.59 19.75 -13.75
CA SER B 46 2.90 18.46 -13.84
C SER B 46 2.60 18.02 -15.25
N ARG B 47 2.08 18.95 -16.08
CA ARG B 47 1.74 18.67 -17.45
C ARG B 47 3.01 18.41 -18.25
N TYR B 48 4.02 19.27 -18.07
CA TYR B 48 5.25 19.13 -18.85
C TYR B 48 5.89 17.77 -18.48
N GLY B 49 5.79 17.45 -17.21
CA GLY B 49 6.32 16.18 -16.65
C GLY B 49 5.77 14.95 -17.33
N ALA B 50 4.45 14.91 -17.43
CA ALA B 50 3.73 13.84 -18.11
C ALA B 50 4.16 13.71 -19.57
N GLU B 51 4.32 14.86 -20.25
CA GLU B 51 4.72 14.88 -21.65
C GLU B 51 6.11 14.32 -21.80
N TYR B 52 7.02 14.76 -20.92
CA TYR B 52 8.39 14.31 -20.95
C TYR B 52 8.44 12.81 -20.74
N MET B 53 7.66 12.35 -19.78
CA MET B 53 7.71 10.93 -19.43
C MET B 53 7.22 10.15 -20.63
N HIS B 54 6.11 10.60 -21.18
CA HIS B 54 5.59 10.03 -22.43
C HIS B 54 6.65 10.00 -23.54
N GLU B 55 7.34 11.12 -23.79
CA GLU B 55 8.37 11.17 -24.83
C GLU B 55 9.50 10.20 -24.51
N THR B 56 9.90 10.15 -23.24
CA THR B 56 11.12 9.51 -22.88
C THR B 56 11.00 8.02 -22.72
N VAL B 57 9.90 7.58 -22.11
CA VAL B 57 9.77 6.18 -21.75
C VAL B 57 9.70 5.32 -23.03
N LYS B 58 10.48 4.24 -23.08
CA LYS B 58 10.61 3.40 -24.26
C LYS B 58 10.57 1.91 -23.88
N ASP B 59 10.39 1.05 -24.88
CA ASP B 59 10.31 -0.38 -24.66
C ASP B 59 11.42 -0.84 -23.74
N GLY B 60 11.03 -1.54 -22.67
CA GLY B 60 11.98 -2.20 -21.82
C GLY B 60 12.57 -1.36 -20.68
N ASP B 61 12.12 -0.12 -20.52
CA ASP B 61 12.58 0.75 -19.41
C ASP B 61 12.01 0.24 -18.08
N ILE B 62 12.76 0.51 -17.02
CA ILE B 62 12.37 0.25 -15.64
C ILE B 62 12.27 1.65 -15.01
N VAL B 63 11.05 2.05 -14.69
CA VAL B 63 10.77 3.39 -14.23
C VAL B 63 10.46 3.42 -12.72
N GLY B 64 11.26 4.19 -11.99
CA GLY B 64 11.12 4.34 -10.55
C GLY B 64 10.30 5.58 -10.29
N VAL B 65 9.18 5.38 -9.61
CA VAL B 65 8.37 6.50 -9.21
C VAL B 65 8.28 6.58 -7.70
N SER B 66 7.67 7.66 -7.26
CA SER B 66 7.52 8.01 -5.87
C SER B 66 6.10 8.53 -5.72
N TRP B 67 5.75 9.02 -4.54
CA TRP B 67 4.38 9.46 -4.28
C TRP B 67 4.45 10.81 -3.56
N GLY B 68 3.36 11.57 -3.72
CA GLY B 68 3.24 12.92 -3.15
C GLY B 68 2.25 13.65 -4.09
N THR B 69 1.89 14.87 -3.74
CA THR B 69 0.86 15.64 -4.51
C THR B 69 1.37 15.96 -5.92
N THR B 70 2.60 16.43 -6.10
CA THR B 70 3.07 16.70 -7.46
C THR B 70 3.11 15.44 -8.32
N MET B 71 3.67 14.36 -7.75
CA MET B 71 3.69 13.07 -8.45
C MET B 71 2.30 12.58 -8.85
N TYR B 72 1.33 12.70 -7.95
CA TYR B 72 -0.06 12.28 -8.23
C TYR B 72 -0.60 13.04 -9.43
N GLN B 73 -0.33 14.33 -9.42
CA GLN B 73 -0.79 15.19 -10.53
C GLN B 73 -0.15 14.75 -11.84
N ILE B 74 1.15 14.47 -11.82
CA ILE B 74 1.82 14.03 -13.03
C ILE B 74 1.17 12.74 -13.55
N ALA B 75 0.88 11.84 -12.62
CA ALA B 75 0.28 10.54 -12.94
C ALA B 75 -1.11 10.70 -13.59
N GLN B 76 -1.93 11.56 -13.02
CA GLN B 76 -3.23 11.89 -13.60
C GLN B 76 -3.09 12.39 -15.03
N ASN B 77 -2.07 13.19 -15.31
CA ASN B 77 -1.95 13.75 -16.67
C ASN B 77 -1.37 12.78 -17.68
N MET B 78 -0.83 11.66 -17.21
CA MET B 78 -0.24 10.68 -18.10
C MET B 78 -1.20 10.21 -19.16
N GLN B 79 -0.70 10.12 -20.38
CA GLN B 79 -1.46 9.60 -21.47
C GLN B 79 -0.91 8.22 -21.78
N PRO B 80 -1.78 7.29 -22.17
CA PRO B 80 -1.36 5.96 -22.58
C PRO B 80 -0.22 5.96 -23.59
N LYS B 81 0.73 5.07 -23.44
CA LYS B 81 1.79 4.93 -24.44
C LYS B 81 1.98 3.46 -24.77
N GLN B 82 1.89 3.15 -26.07
CA GLN B 82 2.03 1.76 -26.51
C GLN B 82 3.48 1.30 -26.39
N VAL B 83 3.86 0.95 -25.18
CA VAL B 83 5.21 0.52 -24.96
C VAL B 83 5.13 -0.89 -24.44
N LYS B 84 6.20 -1.67 -24.62
CA LYS B 84 6.25 -3.03 -24.10
C LYS B 84 7.50 -3.33 -23.29
N GLY B 85 7.34 -4.25 -22.34
CA GLY B 85 8.43 -4.71 -21.51
C GLY B 85 8.77 -3.73 -20.38
N VAL B 86 7.97 -2.68 -20.19
CA VAL B 86 8.24 -1.65 -19.18
C VAL B 86 7.80 -2.13 -17.78
N GLU B 87 8.66 -1.95 -16.79
CA GLU B 87 8.27 -2.14 -15.40
C GLU B 87 8.28 -0.78 -14.67
N VAL B 88 7.30 -0.57 -13.78
CA VAL B 88 7.18 0.62 -12.99
C VAL B 88 7.24 0.21 -11.50
N VAL B 89 8.18 0.78 -10.76
CA VAL B 89 8.50 0.37 -9.39
C VAL B 89 8.48 1.55 -8.41
N GLN B 90 7.97 1.30 -7.21
CA GLN B 90 7.94 2.30 -6.14
C GLN B 90 9.32 2.46 -5.51
N LEU B 91 9.74 3.70 -5.31
CA LEU B 91 11.04 4.05 -4.71
C LEU B 91 10.93 4.59 -3.27
N LYS B 92 9.69 4.87 -2.87
CA LYS B 92 9.43 5.54 -1.62
C LYS B 92 8.57 4.67 -0.69
N GLY B 93 9.00 4.54 0.58
CA GLY B 93 8.28 3.75 1.56
C GLY B 93 6.90 4.35 1.84
N GLY B 94 6.10 3.58 2.58
CA GLY B 94 4.68 3.87 2.87
C GLY B 94 4.47 4.41 4.27
N ILE B 95 3.32 5.05 4.51
CA ILE B 95 2.97 5.50 5.83
C ILE B 95 1.77 4.68 6.29
N SER B 96 1.49 4.73 7.58
CA SER B 96 0.42 3.88 8.03
CA SER B 96 0.47 3.92 8.18
C SER B 96 -0.87 4.64 8.16
N HIS B 97 -0.80 5.96 8.37
CA HIS B 97 -1.97 6.80 8.42
C HIS B 97 -1.57 8.26 8.11
N SER B 98 -2.47 9.00 7.45
CA SER B 98 -2.49 10.49 7.51
C SER B 98 -3.91 10.94 7.20
N ARG B 99 -4.25 12.14 7.64
CA ARG B 99 -5.58 12.68 7.41
C ARG B 99 -5.80 13.09 5.95
N VAL B 100 -4.72 13.29 5.19
CA VAL B 100 -4.81 13.47 3.74
C VAL B 100 -4.33 12.20 3.00
N ASN B 101 -5.11 11.80 2.00
CA ASN B 101 -4.74 10.63 1.23
C ASN B 101 -3.44 10.93 0.46
N THR B 102 -2.45 10.05 0.53
CA THR B 102 -1.18 10.24 -0.21
C THR B 102 -1.27 9.89 -1.68
N TYR B 103 -2.33 9.15 -2.01
CA TYR B 103 -2.61 8.70 -3.36
C TYR B 103 -1.48 7.90 -3.95
N SER B 104 -0.68 7.30 -3.07
CA SER B 104 0.44 6.54 -3.47
C SER B 104 0.09 5.38 -4.39
N ALA B 105 -0.92 4.60 -4.00
CA ALA B 105 -1.40 3.47 -4.82
C ALA B 105 -1.87 3.87 -6.21
N GLU B 106 -2.71 4.88 -6.22
CA GLU B 106 -3.28 5.42 -7.46
C GLU B 106 -2.21 5.97 -8.37
N THR B 107 -1.21 6.60 -7.75
CA THR B 107 -0.16 7.30 -8.46
C THR B 107 0.61 6.26 -9.23
N ILE B 108 1.07 5.23 -8.52
CA ILE B 108 1.84 4.19 -9.20
C ILE B 108 0.97 3.38 -10.15
N GLN B 109 -0.30 3.15 -9.81
CA GLN B 109 -1.25 2.53 -10.78
C GLN B 109 -1.34 3.31 -12.09
N LEU B 110 -1.51 4.63 -11.98
CA LEU B 110 -1.71 5.44 -13.19
C LEU B 110 -0.47 5.41 -14.06
N PHE B 111 0.69 5.51 -13.42
CA PHE B 111 1.94 5.40 -14.16
C PHE B 111 2.03 4.03 -14.83
N ALA B 112 1.75 2.96 -14.08
CA ALA B 112 1.87 1.62 -14.62
C ALA B 112 0.93 1.38 -15.80
N GLU B 113 -0.31 1.84 -15.67
CA GLU B 113 -1.28 1.64 -16.73
C GLU B 113 -0.87 2.40 -17.97
N ALA B 114 -0.32 3.60 -17.78
CA ALA B 114 0.05 4.40 -18.93
C ALA B 114 1.15 3.68 -19.76
N PHE B 115 1.97 2.87 -19.07
CA PHE B 115 3.06 2.09 -19.69
C PHE B 115 2.79 0.56 -19.85
N GLN B 116 1.51 0.20 -19.82
CA GLN B 116 1.03 -1.14 -20.19
C GLN B 116 1.57 -2.21 -19.28
N THR B 117 1.66 -1.87 -18.00
CA THR B 117 2.13 -2.83 -17.03
C THR B 117 1.36 -2.63 -15.72
N MET B 118 1.85 -3.28 -14.68
CA MET B 118 1.21 -3.28 -13.36
C MET B 118 2.29 -2.83 -12.36
N PRO B 119 1.90 -2.11 -11.31
CA PRO B 119 2.83 -1.58 -10.29
C PRO B 119 3.61 -2.62 -9.54
N ARG B 120 4.87 -2.29 -9.25
CA ARG B 120 5.70 -3.07 -8.39
C ARG B 120 5.80 -2.29 -7.11
N TYR B 121 5.01 -2.69 -6.11
CA TYR B 121 4.94 -1.93 -4.86
C TYR B 121 6.14 -2.24 -3.98
N LEU B 122 6.41 -1.33 -3.03
CA LEU B 122 7.41 -1.53 -1.99
C LEU B 122 6.61 -1.57 -0.67
N PRO B 123 6.23 -2.78 -0.20
CA PRO B 123 5.23 -2.92 0.85
C PRO B 123 5.89 -2.83 2.23
N LEU B 124 6.42 -1.68 2.54
CA LEU B 124 7.18 -1.40 3.76
C LEU B 124 6.87 -0.01 4.28
N PRO B 125 7.13 0.25 5.58
CA PRO B 125 7.00 1.57 6.14
C PRO B 125 8.16 2.41 5.75
N VAL B 126 8.02 3.71 5.81
CA VAL B 126 9.09 4.59 5.47
C VAL B 126 10.26 4.52 6.47
N VAL B 127 9.97 4.26 7.73
CA VAL B 127 10.96 4.25 8.80
C VAL B 127 10.67 3.09 9.72
N PHE B 128 11.75 2.45 10.16
CA PHE B 128 11.75 1.51 11.24
C PHE B 128 12.37 2.15 12.47
N ASP B 129 11.90 1.75 13.65
CA ASP B 129 12.41 2.28 14.93
C ASP B 129 13.87 1.99 15.07
N ASN B 130 14.33 0.87 14.51
CA ASN B 130 15.66 0.33 14.77
C ASN B 130 16.39 -0.02 13.47
N ALA B 131 17.65 0.44 13.33
CA ALA B 131 18.32 0.24 12.05
C ALA B 131 18.65 -1.23 11.77
N ASP B 132 18.87 -2.02 12.82
CA ASP B 132 19.16 -3.48 12.66
C ASP B 132 17.92 -4.18 12.05
N VAL B 133 16.71 -3.76 12.43
CA VAL B 133 15.48 -4.26 11.81
C VAL B 133 15.39 -3.81 10.35
N LYS B 134 15.61 -2.52 10.08
CA LYS B 134 15.56 -2.01 8.70
C LYS B 134 16.50 -2.87 7.84
N ARG B 135 17.70 -3.14 8.35
CA ARG B 135 18.70 -3.88 7.54
C ARG B 135 18.27 -5.28 7.24
N MET B 136 17.72 -5.96 8.24
N MET B 136 17.71 -5.98 8.22
CA MET B 136 17.22 -7.33 8.06
CA MET B 136 17.24 -7.35 7.94
C MET B 136 16.02 -7.39 7.08
C MET B 136 16.03 -7.38 7.01
N VAL B 137 15.16 -6.39 7.13
CA VAL B 137 14.04 -6.28 6.19
C VAL B 137 14.52 -6.09 4.76
N GLU B 138 15.49 -5.20 4.56
CA GLU B 138 16.04 -5.01 3.23
C GLU B 138 16.73 -6.23 2.65
N LYS B 139 17.26 -7.11 3.50
CA LYS B 139 17.86 -8.34 3.06
C LYS B 139 16.90 -9.49 2.87
N ASP B 140 15.64 -9.34 3.27
CA ASP B 140 14.63 -10.38 2.99
C ASP B 140 14.66 -10.65 1.48
N ARG B 141 14.62 -11.92 1.13
CA ARG B 141 14.81 -12.37 -0.23
C ARG B 141 13.85 -11.68 -1.20
N HIS B 142 12.62 -11.52 -0.77
CA HIS B 142 11.59 -10.94 -1.59
C HIS B 142 11.74 -9.42 -1.66
N ILE B 143 11.94 -8.80 -0.52
CA ILE B 143 12.17 -7.34 -0.50
C ILE B 143 13.39 -6.92 -1.30
N GLU B 144 14.45 -7.69 -1.24
CA GLU B 144 15.68 -7.38 -1.89
C GLU B 144 15.46 -7.25 -3.40
N ARG B 145 14.58 -8.10 -3.95
CA ARG B 145 14.29 -8.01 -5.37
C ARG B 145 13.63 -6.67 -5.76
N ILE B 146 12.79 -6.15 -4.87
CA ILE B 146 12.11 -4.90 -5.11
C ILE B 146 13.11 -3.75 -5.03
N ILE B 147 14.00 -3.83 -4.06
CA ILE B 147 15.04 -2.81 -3.93
C ILE B 147 15.97 -2.84 -5.13
N GLU B 148 16.27 -4.05 -5.60
CA GLU B 148 17.13 -4.25 -6.75
C GLU B 148 16.51 -3.67 -8.02
N MET B 149 15.20 -3.83 -8.16
CA MET B 149 14.49 -3.24 -9.27
C MET B 149 14.56 -1.72 -9.21
N GLY B 150 14.42 -1.15 -8.01
CA GLY B 150 14.68 0.26 -7.81
C GLY B 150 16.08 0.73 -8.21
N LYS B 151 17.09 -0.08 -7.93
CA LYS B 151 18.44 0.24 -8.37
C LYS B 151 18.61 0.10 -9.90
N GLN B 152 17.92 -0.88 -10.48
CA GLN B 152 18.09 -1.15 -11.91
C GLN B 152 17.37 -0.12 -12.72
N ALA B 153 16.37 0.52 -12.15
CA ALA B 153 15.61 1.52 -12.84
C ALA B 153 16.50 2.52 -13.56
N ASN B 154 16.28 2.70 -14.84
CA ASN B 154 17.07 3.68 -15.56
C ASN B 154 16.43 5.06 -15.62
N ILE B 155 15.15 5.15 -15.31
CA ILE B 155 14.46 6.44 -15.18
C ILE B 155 13.95 6.49 -13.75
N ALA B 156 14.16 7.62 -13.05
CA ALA B 156 13.53 7.87 -11.74
C ALA B 156 12.86 9.22 -11.78
N LEU B 157 11.67 9.29 -11.18
CA LEU B 157 10.86 10.49 -11.23
C LEU B 157 10.49 10.86 -9.83
N PHE B 158 10.78 12.09 -9.43
CA PHE B 158 10.52 12.52 -8.06
C PHE B 158 10.46 14.04 -7.99
N THR B 159 9.86 14.51 -6.91
CA THR B 159 10.03 15.89 -6.53
C THR B 159 10.88 15.97 -5.25
N VAL B 160 11.08 17.17 -4.74
CA VAL B 160 11.66 17.36 -3.43
C VAL B 160 10.61 17.83 -2.47
N GLY B 161 10.71 17.39 -1.23
CA GLY B 161 9.90 17.87 -0.11
C GLY B 161 10.66 18.91 0.64
N THR B 162 9.97 19.69 1.48
CA THR B 162 10.62 20.76 2.27
C THR B 162 10.70 20.35 3.74
N VAL B 163 11.32 21.18 4.57
CA VAL B 163 11.43 20.95 6.04
C VAL B 163 10.56 21.85 6.92
N ARG B 164 9.49 22.39 6.36
CA ARG B 164 8.60 23.23 7.15
C ARG B 164 7.86 22.40 8.24
N ASP B 165 7.41 23.07 9.32
CA ASP B 165 6.73 22.42 10.43
C ASP B 165 5.62 21.50 9.95
N GLU B 166 5.01 21.86 8.80
CA GLU B 166 3.87 21.16 8.16
C GLU B 166 4.19 19.76 7.73
N ALA B 167 5.45 19.57 7.30
CA ALA B 167 5.89 18.38 6.57
C ALA B 167 5.41 17.10 7.21
N LEU B 168 4.92 16.23 6.35
CA LEU B 168 4.32 14.98 6.77
C LEU B 168 5.20 14.20 7.74
N LEU B 169 6.47 14.09 7.38
CA LEU B 169 7.38 13.22 8.11
C LEU B 169 7.73 13.72 9.50
N PHE B 170 7.37 14.93 9.82
CA PHE B 170 7.59 15.45 11.15
C PHE B 170 6.39 15.19 12.07
N ARG B 171 5.35 14.57 11.51
CA ARG B 171 4.07 14.50 12.16
C ARG B 171 3.58 13.09 12.25
N LEU B 172 4.50 12.13 12.18
CA LEU B 172 4.08 10.75 12.12
C LEU B 172 4.65 9.87 13.25
N GLY B 173 5.25 10.50 14.26
CA GLY B 173 5.84 9.77 15.36
C GLY B 173 7.16 9.08 15.12
N TYR B 174 7.66 9.12 13.90
CA TYR B 174 8.89 8.48 13.59
C TYR B 174 10.13 9.11 14.26
N PHE B 175 10.04 10.37 14.68
CA PHE B 175 11.22 11.08 15.24
C PHE B 175 10.98 11.71 16.61
N ASN B 176 11.93 11.56 17.52
CA ASN B 176 11.82 12.17 18.85
C ASN B 176 12.17 13.66 18.78
N GLU B 177 12.11 14.36 19.91
CA GLU B 177 12.37 15.80 19.91
C GLU B 177 13.73 16.12 19.33
N GLU B 178 14.73 15.37 19.75
CA GLU B 178 16.10 15.59 19.33
C GLU B 178 16.24 15.48 17.80
N GLU B 179 15.65 14.44 17.25
CA GLU B 179 15.72 14.14 15.80
C GLU B 179 14.99 15.17 14.97
N LYS B 180 13.78 15.56 15.39
CA LYS B 180 13.05 16.59 14.64
C LYS B 180 13.82 17.91 14.61
N ALA B 181 14.45 18.26 15.72
CA ALA B 181 15.17 19.55 15.82
C ALA B 181 16.38 19.49 14.91
N LEU B 182 17.02 18.32 14.87
CA LEU B 182 18.21 18.16 14.04
C LEU B 182 17.85 18.40 12.57
N LEU B 183 16.84 17.68 12.08
CA LEU B 183 16.42 17.82 10.69
C LEU B 183 15.96 19.26 10.39
N LYS B 184 15.24 19.87 11.31
CA LYS B 184 14.73 21.23 11.09
C LYS B 184 15.89 22.21 10.96
N LYS B 185 16.88 22.04 11.81
CA LYS B 185 18.03 22.91 11.77
C LYS B 185 18.96 22.67 10.56
N GLN B 186 19.18 21.42 10.21
CA GLN B 186 20.24 21.01 9.25
C GLN B 186 19.77 20.68 7.83
N ALA B 187 18.59 20.10 7.69
CA ALA B 187 18.10 19.71 6.39
C ALA B 187 17.44 20.86 5.66
N VAL B 188 17.54 20.82 4.34
CA VAL B 188 16.80 21.73 3.50
C VAL B 188 15.63 21.03 2.76
N GLY B 189 15.65 19.70 2.76
CA GLY B 189 14.66 18.94 1.99
C GLY B 189 14.85 17.45 2.02
N ASP B 190 13.95 16.75 1.35
CA ASP B 190 13.99 15.30 1.20
C ASP B 190 13.72 14.89 -0.20
N ILE B 191 14.33 13.79 -0.58
CA ILE B 191 13.96 13.03 -1.75
C ILE B 191 13.58 11.66 -1.29
N CYS B 192 12.34 11.23 -1.55
CA CYS B 192 11.89 9.92 -1.12
C CYS B 192 12.17 9.66 0.38
N SER B 193 11.94 10.70 1.18
CA SER B 193 11.99 10.66 2.62
C SER B 193 13.38 10.67 3.21
N ARG B 194 14.39 10.86 2.38
CA ARG B 194 15.80 10.95 2.83
C ARG B 194 16.19 12.43 2.82
N PHE B 195 16.57 12.90 4.00
CA PHE B 195 16.84 14.33 4.26
C PHE B 195 18.29 14.74 4.01
N PHE B 196 18.45 15.83 3.27
CA PHE B 196 19.75 16.31 2.90
C PHE B 196 19.90 17.78 3.23
N ASP B 197 21.15 18.23 3.35
CA ASP B 197 21.48 19.62 3.63
C ASP B 197 21.76 20.43 2.39
N ALA B 198 22.16 21.70 2.56
CA ALA B 198 22.29 22.64 1.44
C ALA B 198 23.38 22.22 0.49
N LYS B 199 24.27 21.36 0.99
CA LYS B 199 25.36 20.85 0.15
C LYS B 199 25.07 19.48 -0.45
N GLY B 200 23.90 18.96 -0.19
CA GLY B 200 23.47 17.67 -0.73
C GLY B 200 23.82 16.49 0.16
N ASN B 201 24.45 16.74 1.29
CA ASN B 201 24.79 15.66 2.19
C ASN B 201 23.62 15.18 2.99
N ILE B 202 23.53 13.87 3.23
CA ILE B 202 22.58 13.30 4.20
C ILE B 202 22.77 13.97 5.55
N CYS B 203 21.71 14.50 6.12
CA CYS B 203 21.82 15.19 7.41
CA CYS B 203 21.71 15.20 7.40
C CYS B 203 22.14 14.32 8.57
N SER B 204 21.49 13.17 8.70
CA SER B 204 21.69 12.27 9.83
C SER B 204 21.80 10.86 9.32
N SER B 205 23.01 10.29 9.36
CA SER B 205 23.18 8.94 8.91
C SER B 205 22.40 8.00 9.80
N ALA B 206 22.28 8.33 11.10
CA ALA B 206 21.55 7.51 12.04
C ALA B 206 20.09 7.37 11.65
N ILE B 207 19.46 8.50 11.31
CA ILE B 207 18.09 8.46 10.82
C ILE B 207 18.01 7.78 9.43
N ASN B 208 18.92 8.12 8.55
CA ASN B 208 18.87 7.64 7.23
C ASN B 208 19.06 6.15 7.16
N ASP B 209 19.82 5.63 8.10
CA ASP B 209 20.10 4.20 8.17
C ASP B 209 18.90 3.39 8.64
N ARG B 210 17.86 4.02 9.19
CA ARG B 210 16.65 3.31 9.54
C ARG B 210 15.44 3.66 8.67
N THR B 211 15.70 4.42 7.62
CA THR B 211 14.74 4.83 6.60
C THR B 211 14.84 3.95 5.39
N ILE B 212 13.66 3.52 4.92
CA ILE B 212 13.42 2.72 3.73
C ILE B 212 13.22 3.63 2.50
N GLY B 213 13.65 3.13 1.34
CA GLY B 213 13.50 3.80 0.04
C GLY B 213 14.76 3.81 -0.76
N VAL B 214 14.68 4.23 -2.02
CA VAL B 214 15.87 4.35 -2.85
C VAL B 214 16.91 5.18 -2.11
N GLU B 215 18.15 4.70 -2.16
CA GLU B 215 19.28 5.46 -1.60
C GLU B 215 19.64 6.60 -2.52
N LEU B 216 19.90 7.76 -1.94
CA LEU B 216 20.11 8.95 -2.77
C LEU B 216 21.32 8.77 -3.66
N GLN B 217 22.38 8.16 -3.15
CA GLN B 217 23.57 7.93 -4.00
C GLN B 217 23.28 7.10 -5.25
N ASP B 218 22.28 6.23 -5.17
CA ASP B 218 21.89 5.43 -6.36
C ASP B 218 21.21 6.25 -7.48
N LEU B 219 20.55 7.35 -7.12
CA LEU B 219 19.92 8.21 -8.09
C LEU B 219 20.92 8.78 -9.10
N ARG B 220 22.17 8.99 -8.64
CA ARG B 220 23.20 9.60 -9.46
C ARG B 220 23.64 8.70 -10.60
N LEU B 221 23.36 7.41 -10.51
CA LEU B 221 23.82 6.44 -11.49
C LEU B 221 22.88 6.30 -12.64
N LYS B 222 21.68 6.85 -12.50
CA LYS B 222 20.63 6.55 -13.47
C LYS B 222 20.74 7.40 -14.72
N GLU B 223 20.33 6.82 -15.84
CA GLU B 223 20.32 7.45 -17.11
C GLU B 223 19.54 8.75 -17.04
N ARG B 224 18.34 8.67 -16.49
CA ARG B 224 17.54 9.85 -16.23
C ARG B 224 17.02 9.80 -14.83
N SER B 225 17.53 10.68 -13.99
CA SER B 225 17.00 10.95 -12.68
C SER B 225 16.34 12.32 -12.77
N ILE B 226 15.01 12.34 -12.76
CA ILE B 226 14.24 13.50 -13.08
C ILE B 226 13.59 14.16 -11.89
N LEU B 227 13.99 15.40 -11.65
CA LEU B 227 13.42 16.20 -10.59
C LEU B 227 12.46 17.18 -11.22
N VAL B 228 11.20 17.09 -10.83
CA VAL B 228 10.16 18.07 -11.16
C VAL B 228 9.90 18.85 -9.89
N ALA B 229 10.21 20.14 -9.93
CA ALA B 229 9.99 20.95 -8.73
C ALA B 229 10.00 22.42 -9.14
N GLY B 230 9.28 23.20 -8.34
CA GLY B 230 9.21 24.65 -8.46
C GLY B 230 8.43 25.28 -7.31
N GLY B 231 8.52 26.59 -7.21
CA GLY B 231 7.86 27.32 -6.14
C GLY B 231 8.91 27.91 -5.26
N SER B 232 8.71 29.15 -4.84
CA SER B 232 9.68 29.82 -3.95
C SER B 232 9.90 29.03 -2.64
N ARG B 233 8.92 28.21 -2.28
CA ARG B 233 8.94 27.43 -1.05
C ARG B 233 10.04 26.34 -1.08
N LYS B 234 10.44 25.97 -2.31
CA LYS B 234 11.30 24.84 -2.58
C LYS B 234 12.67 25.24 -3.12
N VAL B 235 12.94 26.55 -3.15
CA VAL B 235 14.21 27.01 -3.68
C VAL B 235 15.40 26.32 -2.96
N SER B 236 15.41 26.38 -1.63
CA SER B 236 16.54 25.86 -0.83
C SER B 236 16.64 24.35 -1.01
N SER B 237 15.47 23.69 -1.01
CA SER B 237 15.36 22.25 -1.21
CA SER B 237 15.39 22.26 -1.20
C SER B 237 15.91 21.85 -2.56
N ILE B 238 15.49 22.55 -3.62
CA ILE B 238 15.92 22.19 -4.98
C ILE B 238 17.44 22.38 -5.08
N HIS B 239 17.92 23.49 -4.52
CA HIS B 239 19.35 23.84 -4.56
C HIS B 239 20.19 22.74 -3.92
N GLY B 240 19.76 22.29 -2.73
CA GLY B 240 20.41 21.15 -2.04
C GLY B 240 20.40 19.87 -2.84
N ALA B 241 19.24 19.55 -3.44
CA ALA B 241 19.12 18.34 -4.23
C ALA B 241 20.02 18.37 -5.44
N LEU B 242 20.07 19.52 -6.12
CA LEU B 242 20.91 19.67 -7.30
C LEU B 242 22.40 19.75 -6.96
N THR B 243 22.72 20.39 -5.84
CA THR B 243 24.11 20.42 -5.34
C THR B 243 24.61 19.04 -5.02
N GLY B 244 23.77 18.18 -4.45
CA GLY B 244 24.07 16.77 -4.26
C GLY B 244 24.05 15.96 -5.53
N LYS B 245 23.61 16.57 -6.62
CA LYS B 245 23.61 15.95 -7.93
C LYS B 245 22.75 14.68 -8.02
N TYR B 246 21.57 14.72 -7.41
CA TYR B 246 20.72 13.56 -7.33
C TYR B 246 19.81 13.45 -8.53
N ALA B 247 19.73 14.53 -9.31
CA ALA B 247 19.01 14.58 -10.57
C ALA B 247 19.91 15.05 -11.71
N ASN B 248 19.71 14.48 -12.90
CA ASN B 248 20.40 14.99 -14.09
C ASN B 248 19.46 15.64 -15.06
N VAL B 249 18.17 15.53 -14.76
CA VAL B 249 17.16 16.20 -15.52
C VAL B 249 16.33 17.01 -14.57
N LEU B 250 16.14 18.28 -14.90
CA LEU B 250 15.41 19.17 -14.04
C LEU B 250 14.23 19.72 -14.83
N ILE B 251 13.04 19.61 -14.25
CA ILE B 251 11.84 20.24 -14.77
C ILE B 251 11.39 21.30 -13.76
N ILE B 252 11.45 22.56 -14.19
CA ILE B 252 11.33 23.69 -13.28
C ILE B 252 10.78 24.84 -14.07
N ASP B 253 10.08 25.75 -13.40
CA ASP B 253 9.46 26.92 -14.06
C ASP B 253 10.48 28.04 -14.08
N GLN B 254 10.15 29.10 -14.79
CA GLN B 254 11.11 30.16 -14.96
C GLN B 254 11.25 31.09 -13.74
N HIS B 255 10.30 31.10 -12.81
CA HIS B 255 10.47 31.92 -11.61
C HIS B 255 11.50 31.28 -10.70
N THR B 256 11.27 30.01 -10.38
CA THR B 256 12.18 29.33 -9.46
C THR B 256 13.59 29.27 -10.04
N ALA B 257 13.67 29.06 -11.35
CA ALA B 257 14.92 28.91 -12.04
C ALA B 257 15.79 30.17 -11.95
N ARG B 258 15.15 31.34 -12.08
CA ARG B 258 15.80 32.61 -11.86
C ARG B 258 16.19 32.81 -10.40
N ALA B 259 15.36 32.31 -9.48
CA ALA B 259 15.70 32.43 -8.05
C ALA B 259 16.97 31.63 -7.72
N LEU B 260 17.14 30.49 -8.39
CA LEU B 260 18.35 29.69 -8.19
C LEU B 260 19.59 30.40 -8.68
N VAL B 261 19.52 31.03 -9.85
CA VAL B 261 20.69 31.77 -10.37
C VAL B 261 21.07 32.93 -9.45
N ASN B 262 20.08 33.61 -8.87
CA ASN B 262 20.34 34.83 -8.10
C ASN B 262 21.15 34.61 -6.81
N ASP B 263 21.32 33.36 -6.39
CA ASP B 263 22.28 33.03 -5.34
C ASP B 263 23.43 32.16 -5.87
N1 BCN C . -10.86 -14.70 -3.33
C1 BCN C . -12.24 -14.50 -3.82
C2 BCN C . -13.03 -13.53 -2.95
O21 BCN C . -12.63 -12.38 -2.61
O22 BCN C . -14.15 -13.90 -2.58
C3 BCN C . -10.20 -15.75 -4.12
C4 BCN C . -10.62 -17.12 -3.55
O4 BCN C . -9.62 -18.09 -3.80
C5 BCN C . -10.03 -13.47 -3.32
C6 BCN C . -9.80 -12.88 -4.70
O6 BCN C . -9.40 -11.54 -4.51
N1 BCN D . 5.37 17.71 -1.21
C1 BCN D . 4.81 18.62 -2.24
C2 BCN D . 4.99 18.02 -3.61
O21 BCN D . 4.71 16.82 -3.86
O22 BCN D . 5.39 18.79 -4.50
C3 BCN D . 5.36 18.38 0.10
C4 BCN D . 6.34 19.55 0.08
O4 BCN D . 7.19 19.43 1.21
C5 BCN D . 4.64 16.42 -1.08
C6 BCN D . 3.17 16.57 -0.74
O6 BCN D . 2.52 15.37 -1.14
#